data_9D8A
#
_entry.id   9D8A
#
_cell.length_a   39.417
_cell.length_b   66.460
_cell.length_c   73.703
_cell.angle_alpha   90.00
_cell.angle_beta   90.00
_cell.angle_gamma   90.00
#
_symmetry.space_group_name_H-M   'P 21 21 21'
#
loop_
_entity.id
_entity.type
_entity.pdbx_description
1 polymer 'Rhizopus azygosporus Kinase'
2 non-polymer "GUANOSINE-5'-DIPHOSPHATE"
3 non-polymer 'MAGNESIUM ION'
4 water water
#
_entity_poly.entity_id   1
_entity_poly.type   'polypeptide(L)'
_entity_poly.pdbx_seq_one_letter_code
;GSMSNRILLLVGLPGSGKSTLSKELVKCKSGWERINQDDMGSRKACEMHAKRFLNKKLSIVIDRCNFDEKQRKTWIDLGQ
KYNVPVDCIVLTATEQECSERIQCRVDHPTGVIGDSGVQILKRFMRNYRPPRIDQLEGIQRILYLDPSPEPYCTPERIDT
IFHLLDQCPILEQMEE
;
_entity_poly.pdbx_strand_id   A
#
# COMPACT_ATOMS: atom_id res chain seq x y z
N MET A 3 -11.49 -11.65 -13.95
CA MET A 3 -10.10 -12.17 -13.90
C MET A 3 -9.66 -12.24 -12.45
N SER A 4 -8.61 -13.02 -12.20
CA SER A 4 -8.11 -13.26 -10.85
C SER A 4 -7.26 -12.10 -10.32
N ASN A 5 -6.76 -11.20 -11.18
CA ASN A 5 -5.75 -10.25 -10.73
C ASN A 5 -6.37 -8.91 -10.33
N ARG A 6 -5.61 -8.16 -9.52
CA ARG A 6 -6.00 -6.85 -9.06
C ARG A 6 -4.74 -6.02 -8.85
N ILE A 7 -4.94 -4.69 -8.80
CA ILE A 7 -3.97 -3.78 -8.23
C ILE A 7 -4.36 -3.49 -6.77
N LEU A 8 -3.45 -3.80 -5.84
CA LEU A 8 -3.67 -3.52 -4.42
C LEU A 8 -2.82 -2.32 -4.01
N LEU A 9 -3.48 -1.19 -3.74
CA LEU A 9 -2.84 0.04 -3.32
C LEU A 9 -2.77 0.01 -1.80
N LEU A 10 -1.57 0.09 -1.25
CA LEU A 10 -1.42 0.30 0.18
C LEU A 10 -1.28 1.80 0.40
N VAL A 11 -1.98 2.31 1.41
CA VAL A 11 -1.86 3.69 1.80
C VAL A 11 -1.52 3.75 3.29
N GLY A 12 -0.54 4.54 3.65
CA GLY A 12 -0.20 4.67 5.06
C GLY A 12 1.05 5.49 5.26
N LEU A 13 1.21 5.99 6.49
CA LEU A 13 2.37 6.77 6.85
C LEU A 13 3.64 5.94 6.71
N PRO A 14 4.81 6.59 6.59
CA PRO A 14 6.08 5.92 6.83
C PRO A 14 6.00 5.23 8.20
N GLY A 15 6.42 3.97 8.25
CA GLY A 15 6.46 3.18 9.47
C GLY A 15 5.13 2.52 9.84
N SER A 16 4.11 2.64 8.96
CA SER A 16 2.79 2.14 9.27
C SER A 16 2.66 0.64 9.05
N GLY A 17 3.54 0.03 8.24
CA GLY A 17 3.54 -1.40 8.07
C GLY A 17 3.29 -1.86 6.64
N LYS A 18 3.52 -0.97 5.67
CA LYS A 18 3.25 -1.31 4.28
C LYS A 18 4.15 -2.42 3.76
N SER A 19 5.46 -2.31 3.99
CA SER A 19 6.41 -3.32 3.55
C SER A 19 6.21 -4.65 4.28
N THR A 20 5.88 -4.60 5.58
CA THR A 20 5.60 -5.81 6.35
C THR A 20 4.48 -6.59 5.70
N LEU A 21 3.37 -5.91 5.38
CA LEU A 21 2.24 -6.58 4.76
C LEU A 21 2.61 -7.10 3.37
N SER A 22 3.18 -6.24 2.53
CA SER A 22 3.42 -6.60 1.14
C SER A 22 4.45 -7.72 0.99
N LYS A 23 5.53 -7.72 1.78
CA LYS A 23 6.50 -8.80 1.73
C LYS A 23 5.85 -10.13 2.12
N GLU A 24 4.99 -10.14 3.15
CA GLU A 24 4.35 -11.37 3.57
C GLU A 24 3.37 -11.88 2.49
N LEU A 25 2.67 -10.95 1.84
CA LEU A 25 1.69 -11.28 0.81
C LEU A 25 2.35 -12.04 -0.33
N VAL A 26 3.46 -11.51 -0.87
CA VAL A 26 4.09 -12.12 -2.03
C VAL A 26 4.74 -13.45 -1.64
N LYS A 27 5.14 -13.56 -0.37
CA LYS A 27 5.64 -14.81 0.19
C LYS A 27 4.55 -15.87 0.22
N CYS A 28 3.32 -15.49 0.61
CA CYS A 28 2.27 -16.41 1.01
C CYS A 28 1.39 -16.85 -0.16
N LYS A 29 1.28 -16.01 -1.19
CA LYS A 29 0.25 -16.13 -2.21
C LYS A 29 0.87 -16.12 -3.60
N SER A 30 0.59 -17.15 -4.40
CA SER A 30 1.07 -17.19 -5.76
C SER A 30 0.46 -16.07 -6.58
N GLY A 31 1.24 -15.58 -7.55
CA GLY A 31 0.72 -14.71 -8.60
C GLY A 31 0.72 -13.23 -8.19
N TRP A 32 1.53 -12.87 -7.18
CA TRP A 32 1.62 -11.50 -6.69
C TRP A 32 3.04 -10.99 -6.81
N GLU A 33 3.17 -9.72 -7.22
CA GLU A 33 4.44 -9.02 -7.26
C GLU A 33 4.33 -7.71 -6.49
N ARG A 34 5.43 -7.34 -5.84
CA ARG A 34 5.48 -6.14 -5.04
C ARG A 34 6.17 -5.08 -5.88
N ILE A 35 5.55 -3.91 -5.97
CA ILE A 35 6.11 -2.71 -6.59
C ILE A 35 6.58 -1.81 -5.45
N ASN A 36 7.88 -1.47 -5.42
CA ASN A 36 8.45 -0.65 -4.34
C ASN A 36 9.58 0.25 -4.86
N GLN A 37 9.52 1.56 -4.63
CA GLN A 37 10.44 2.49 -5.32
C GLN A 37 11.78 2.58 -4.59
N ASP A 38 11.79 2.30 -3.29
CA ASP A 38 13.02 2.46 -2.52
C ASP A 38 14.02 1.37 -2.91
N ASP A 39 13.50 0.30 -3.52
CA ASP A 39 14.38 -0.75 -4.04
C ASP A 39 14.37 -0.71 -5.57
N MET A 40 13.33 -0.13 -6.20
CA MET A 40 13.08 -0.31 -7.62
C MET A 40 13.82 0.75 -8.44
N GLY A 41 13.80 2.01 -7.98
CA GLY A 41 14.66 3.04 -8.54
C GLY A 41 13.96 4.38 -8.72
N SER A 42 12.92 4.36 -9.55
CA SER A 42 12.15 5.53 -9.95
C SER A 42 10.67 5.15 -10.00
N ARG A 43 9.79 6.16 -10.03
CA ARG A 43 8.36 5.92 -10.10
C ARG A 43 8.03 5.40 -11.50
N LYS A 44 8.80 5.84 -12.50
CA LYS A 44 8.67 5.35 -13.87
C LYS A 44 9.13 3.88 -13.91
N ALA A 45 10.21 3.55 -13.20
CA ALA A 45 10.63 2.16 -13.09
C ALA A 45 9.56 1.31 -12.42
N CYS A 46 8.90 1.82 -11.37
CA CYS A 46 7.79 1.14 -10.70
C CYS A 46 6.69 0.88 -11.75
N GLU A 47 6.41 1.90 -12.58
CA GLU A 47 5.36 1.81 -13.58
C GLU A 47 5.70 0.80 -14.67
N MET A 48 6.97 0.81 -15.10
CA MET A 48 7.50 -0.12 -16.08
C MET A 48 7.33 -1.56 -15.61
N HIS A 49 7.74 -1.84 -14.37
CA HIS A 49 7.62 -3.18 -13.82
C HIS A 49 6.16 -3.55 -13.70
N ALA A 50 5.30 -2.60 -13.27
CA ALA A 50 3.87 -2.84 -13.11
C ALA A 50 3.23 -3.26 -14.45
N LYS A 51 3.60 -2.58 -15.53
CA LYS A 51 3.08 -2.94 -16.86
C LYS A 51 3.53 -4.35 -17.24
N ARG A 52 4.80 -4.68 -16.97
CA ARG A 52 5.32 -5.99 -17.34
C ARG A 52 4.52 -7.06 -16.60
N PHE A 53 4.25 -6.83 -15.31
CA PHE A 53 3.56 -7.81 -14.49
C PHE A 53 2.09 -7.94 -14.89
N LEU A 54 1.43 -6.81 -15.19
CA LEU A 54 0.02 -6.85 -15.58
C LEU A 54 -0.13 -7.50 -16.96
N ASN A 55 0.87 -7.29 -17.83
CA ASN A 55 0.88 -7.97 -19.13
C ASN A 55 0.89 -9.49 -18.94
N LYS A 56 1.45 -9.97 -17.82
CA LYS A 56 1.46 -11.40 -17.52
C LYS A 56 0.26 -11.82 -16.66
N LYS A 57 -0.69 -10.91 -16.44
CA LYS A 57 -1.94 -11.16 -15.71
C LYS A 57 -1.66 -11.42 -14.22
N LEU A 58 -0.58 -10.84 -13.71
CA LEU A 58 -0.26 -10.94 -12.29
C LEU A 58 -0.99 -9.86 -11.49
N SER A 59 -1.15 -10.12 -10.18
CA SER A 59 -1.60 -9.10 -9.25
C SER A 59 -0.40 -8.31 -8.74
N ILE A 60 -0.60 -7.02 -8.46
CA ILE A 60 0.49 -6.18 -8.00
C ILE A 60 0.05 -5.44 -6.74
N VAL A 61 0.97 -5.41 -5.76
CA VAL A 61 0.76 -4.67 -4.53
C VAL A 61 1.75 -3.49 -4.56
N ILE A 62 1.19 -2.27 -4.40
CA ILE A 62 1.91 -1.04 -4.52
C ILE A 62 2.27 -0.60 -3.09
N ASP A 63 3.53 -0.85 -2.75
CA ASP A 63 4.08 -0.62 -1.43
C ASP A 63 4.81 0.72 -1.50
N ARG A 64 4.01 1.77 -1.44
CA ARG A 64 4.37 3.16 -1.47
C ARG A 64 3.38 3.85 -0.51
N CYS A 65 3.72 5.04 -0.04
CA CYS A 65 2.81 5.74 0.86
C CYS A 65 1.47 6.09 0.21
N ASN A 66 1.50 6.28 -1.15
CA ASN A 66 0.33 6.55 -1.99
C ASN A 66 -0.52 7.61 -1.32
N PHE A 67 0.15 8.72 -0.97
CA PHE A 67 -0.30 9.56 0.11
C PHE A 67 -1.37 10.58 -0.26
N ASP A 68 -1.65 10.80 -1.56
CA ASP A 68 -2.73 11.71 -1.93
C ASP A 68 -3.34 11.27 -3.25
N GLU A 69 -4.37 12.02 -3.66
CA GLU A 69 -5.14 11.68 -4.85
C GLU A 69 -4.26 11.64 -6.10
N LYS A 70 -3.29 12.55 -6.19
CA LYS A 70 -2.47 12.62 -7.39
C LYS A 70 -1.52 11.42 -7.45
N GLN A 71 -1.02 10.97 -6.30
CA GLN A 71 -0.17 9.80 -6.28
C GLN A 71 -0.96 8.56 -6.66
N ARG A 72 -2.20 8.44 -6.16
CA ARG A 72 -3.00 7.25 -6.42
C ARG A 72 -3.47 7.18 -7.88
N LYS A 73 -3.64 8.33 -8.53
CA LYS A 73 -4.16 8.41 -9.89
C LYS A 73 -3.28 7.61 -10.87
N THR A 74 -1.96 7.62 -10.69
CA THR A 74 -1.08 6.80 -11.50
C THR A 74 -1.62 5.38 -11.64
N TRP A 75 -1.93 4.80 -10.48
CA TRP A 75 -2.25 3.38 -10.38
C TRP A 75 -3.70 3.16 -10.78
N ILE A 76 -4.57 4.11 -10.46
CA ILE A 76 -5.95 3.96 -10.86
C ILE A 76 -6.08 4.06 -12.39
N ASP A 77 -5.36 4.99 -13.03
CA ASP A 77 -5.34 5.08 -14.49
C ASP A 77 -4.85 3.76 -15.11
N LEU A 78 -3.86 3.14 -14.48
CA LEU A 78 -3.31 1.90 -14.99
C LEU A 78 -4.39 0.81 -14.93
N GLY A 79 -5.13 0.73 -13.80
CA GLY A 79 -6.23 -0.22 -13.65
C GLY A 79 -7.29 -0.05 -14.73
N GLN A 80 -7.66 1.20 -14.99
CA GLN A 80 -8.68 1.55 -15.98
C GLN A 80 -8.24 1.08 -17.37
N LYS A 81 -6.99 1.36 -17.71
CA LYS A 81 -6.41 0.95 -18.99
C LYS A 81 -6.46 -0.58 -19.17
N TYR A 82 -6.13 -1.33 -18.12
CA TYR A 82 -6.03 -2.79 -18.18
C TYR A 82 -7.37 -3.45 -17.84
N ASN A 83 -8.36 -2.65 -17.44
CA ASN A 83 -9.63 -3.16 -16.95
C ASN A 83 -9.36 -4.15 -15.81
N VAL A 84 -8.54 -3.70 -14.86
CA VAL A 84 -8.17 -4.46 -13.67
C VAL A 84 -8.61 -3.63 -12.48
N PRO A 85 -9.37 -4.20 -11.52
CA PRO A 85 -9.85 -3.45 -10.36
C PRO A 85 -8.71 -2.99 -9.45
N VAL A 86 -8.93 -1.84 -8.81
CA VAL A 86 -8.01 -1.30 -7.82
C VAL A 86 -8.67 -1.39 -6.45
N ASP A 87 -8.12 -2.24 -5.60
CA ASP A 87 -8.50 -2.28 -4.20
C ASP A 87 -7.46 -1.53 -3.37
N CYS A 88 -7.91 -0.97 -2.26
CA CYS A 88 -7.04 -0.17 -1.40
C CYS A 88 -7.14 -0.64 0.05
N ILE A 89 -5.97 -0.77 0.71
CA ILE A 89 -5.88 -0.98 2.15
C ILE A 89 -5.17 0.23 2.73
N VAL A 90 -5.88 0.91 3.63
CA VAL A 90 -5.33 2.04 4.38
C VAL A 90 -4.93 1.54 5.76
N LEU A 91 -3.64 1.65 6.09
CA LEU A 91 -3.12 1.20 7.38
C LEU A 91 -3.41 2.33 8.37
N THR A 92 -4.11 2.03 9.46
CA THR A 92 -4.65 3.06 10.33
C THR A 92 -3.72 3.30 11.53
N ALA A 93 -2.42 3.08 11.40
CA ALA A 93 -1.48 3.58 12.41
C ALA A 93 -1.45 5.11 12.47
N THR A 94 -1.45 5.67 13.70
CA THR A 94 -1.35 7.11 13.93
C THR A 94 0.10 7.60 13.76
N GLU A 95 0.26 8.91 13.71
CA GLU A 95 1.55 9.55 13.61
C GLU A 95 2.39 9.16 14.82
N GLN A 96 1.75 9.10 16.00
CA GLN A 96 2.54 8.75 17.20
C GLN A 96 2.98 7.29 17.17
N GLU A 97 2.13 6.38 16.72
CA GLU A 97 2.52 4.98 16.61
C GLU A 97 3.68 4.84 15.61
N CYS A 98 3.59 5.52 14.47
CA CYS A 98 4.61 5.42 13.45
C CYS A 98 5.91 6.04 13.94
N SER A 99 5.80 7.14 14.67
CA SER A 99 6.97 7.83 15.23
C SER A 99 7.80 6.88 16.10
N GLU A 100 7.08 6.17 16.98
CA GLU A 100 7.72 5.23 17.90
C GLU A 100 8.42 4.10 17.17
N ARG A 101 7.79 3.59 16.12
CA ARG A 101 8.41 2.54 15.34
C ARG A 101 9.66 3.05 14.61
N ILE A 102 9.57 4.23 13.97
CA ILE A 102 10.67 4.83 13.24
C ILE A 102 11.86 5.10 14.16
N GLN A 103 11.55 5.52 15.40
CA GLN A 103 12.58 5.80 16.38
C GLN A 103 13.46 4.57 16.59
N CYS A 104 12.88 3.37 16.44
CA CYS A 104 13.55 2.10 16.66
C CYS A 104 14.35 1.62 15.44
N ARG A 105 14.23 2.28 14.29
CA ARG A 105 15.08 1.90 13.17
C ARG A 105 16.50 2.45 13.36
N VAL A 106 17.51 1.63 13.01
CA VAL A 106 18.88 2.09 13.00
C VAL A 106 19.37 2.44 11.60
N ASP A 107 18.88 1.71 10.58
CA ASP A 107 19.09 2.07 9.17
C ASP A 107 17.83 1.66 8.42
N HIS A 108 17.62 2.18 7.20
CA HIS A 108 16.42 1.82 6.44
C HIS A 108 16.59 2.26 5.00
N PRO A 109 16.09 1.49 4.00
CA PRO A 109 16.21 1.90 2.59
C PRO A 109 15.60 3.27 2.27
N THR A 110 14.62 3.71 3.06
CA THR A 110 13.96 5.00 2.81
C THR A 110 14.73 6.17 3.41
N GLY A 111 15.64 5.88 4.34
CA GLY A 111 16.31 6.95 5.05
C GLY A 111 15.44 7.60 6.13
N VAL A 112 14.34 6.96 6.53
CA VAL A 112 13.44 7.48 7.55
C VAL A 112 13.76 6.67 8.81
N ILE A 113 14.71 7.20 9.62
CA ILE A 113 15.36 6.39 10.64
C ILE A 113 15.53 7.25 11.89
N GLY A 114 15.16 6.70 13.05
CA GLY A 114 15.51 7.36 14.30
C GLY A 114 14.86 8.74 14.47
N ASP A 115 15.60 9.65 15.13
CA ASP A 115 15.09 10.98 15.39
C ASP A 115 15.01 11.82 14.09
N SER A 116 15.88 11.52 13.10
CA SER A 116 15.81 12.14 11.78
C SER A 116 14.47 11.77 11.13
N GLY A 117 14.17 10.49 11.21
CA GLY A 117 12.93 9.89 10.67
C GLY A 117 11.69 10.50 11.32
N VAL A 118 11.77 10.80 12.64
CA VAL A 118 10.64 11.40 13.32
C VAL A 118 10.36 12.77 12.71
N GLN A 119 11.43 13.55 12.47
CA GLN A 119 11.29 14.86 11.90
C GLN A 119 10.71 14.74 10.48
N ILE A 120 11.15 13.76 9.69
CA ILE A 120 10.64 13.53 8.34
C ILE A 120 9.13 13.26 8.39
N LEU A 121 8.71 12.40 9.30
CA LEU A 121 7.31 12.06 9.44
C LEU A 121 6.46 13.30 9.72
N LYS A 122 6.96 14.17 10.63
CA LYS A 122 6.23 15.38 10.95
C LYS A 122 6.01 16.23 9.70
N ARG A 123 7.06 16.31 8.86
CA ARG A 123 6.99 17.10 7.64
C ARG A 123 5.99 16.47 6.67
N PHE A 124 5.96 15.16 6.60
CA PHE A 124 5.08 14.41 5.73
C PHE A 124 3.60 14.64 6.05
N MET A 125 3.26 14.87 7.32
CA MET A 125 1.86 14.87 7.73
C MET A 125 1.10 15.97 7.00
N ARG A 126 1.78 17.03 6.59
CA ARG A 126 1.17 18.09 5.79
C ARG A 126 0.51 17.56 4.51
N ASN A 127 0.99 16.43 3.98
CA ASN A 127 0.64 16.01 2.63
C ASN A 127 -0.20 14.74 2.62
N TYR A 128 -0.38 14.11 3.80
CA TYR A 128 -1.02 12.82 3.89
C TYR A 128 -2.55 12.97 3.87
N ARG A 129 -3.15 12.45 2.78
CA ARG A 129 -4.57 12.60 2.50
C ARG A 129 -5.13 11.24 2.07
N PRO A 130 -5.41 10.35 3.03
CA PRO A 130 -5.89 9.01 2.70
C PRO A 130 -7.25 9.09 2.00
N PRO A 131 -7.61 8.06 1.23
CA PRO A 131 -8.90 8.06 0.53
C PRO A 131 -10.05 7.94 1.50
N ARG A 132 -11.13 8.62 1.10
CA ARG A 132 -12.40 8.64 1.80
C ARG A 132 -13.40 7.79 1.02
N ILE A 133 -14.28 7.12 1.78
CA ILE A 133 -15.34 6.28 1.21
C ILE A 133 -16.22 7.13 0.27
N ASP A 134 -16.36 8.43 0.53
CA ASP A 134 -17.28 9.25 -0.23
C ASP A 134 -16.64 9.66 -1.56
N GLN A 135 -15.57 10.46 -1.49
CA GLN A 135 -14.92 11.08 -2.62
C GLN A 135 -14.31 9.98 -3.49
N LEU A 136 -14.86 9.84 -4.69
CA LEU A 136 -14.63 8.68 -5.51
C LEU A 136 -13.48 8.98 -6.47
N GLU A 137 -12.49 8.10 -6.41
CA GLU A 137 -11.26 8.24 -7.16
C GLU A 137 -11.19 7.15 -8.22
N GLY A 138 -12.17 6.23 -8.22
CA GLY A 138 -12.15 5.07 -9.09
C GLY A 138 -11.62 3.82 -8.39
N ILE A 139 -11.49 3.88 -7.06
CA ILE A 139 -11.14 2.72 -6.25
C ILE A 139 -12.37 1.83 -6.07
N GLN A 140 -12.17 0.51 -6.20
CA GLN A 140 -13.25 -0.45 -6.08
C GLN A 140 -13.74 -0.64 -4.64
N ARG A 141 -12.78 -0.84 -3.73
CA ARG A 141 -13.06 -1.07 -2.33
C ARG A 141 -11.90 -0.49 -1.51
N ILE A 142 -12.22 -0.01 -0.30
CA ILE A 142 -11.22 0.47 0.65
C ILE A 142 -11.43 -0.25 1.98
N LEU A 143 -10.38 -0.95 2.42
CA LEU A 143 -10.32 -1.50 3.76
C LEU A 143 -9.47 -0.61 4.65
N TYR A 144 -10.01 -0.19 5.81
CA TYR A 144 -9.21 0.48 6.84
C TYR A 144 -8.75 -0.57 7.84
N LEU A 145 -7.46 -0.86 7.85
CA LEU A 145 -6.92 -2.02 8.55
C LEU A 145 -6.23 -1.59 9.86
N ASP A 146 -6.73 -2.10 10.99
CA ASP A 146 -6.15 -1.80 12.30
C ASP A 146 -4.81 -2.54 12.42
N PRO A 147 -3.83 -1.97 13.16
CA PRO A 147 -2.59 -2.66 13.49
C PRO A 147 -2.89 -3.92 14.28
N SER A 148 -2.10 -4.97 14.05
CA SER A 148 -2.06 -6.10 14.96
C SER A 148 -1.24 -5.74 16.20
N PRO A 149 -1.48 -6.41 17.34
CA PRO A 149 -0.62 -6.28 18.52
C PRO A 149 0.84 -6.65 18.22
N GLU A 150 1.05 -7.67 17.38
CA GLU A 150 2.34 -8.21 17.01
C GLU A 150 2.96 -7.44 15.84
N PRO A 151 4.30 -7.33 15.80
CA PRO A 151 5.02 -6.57 14.77
C PRO A 151 5.28 -7.30 13.45
N TYR A 152 4.90 -8.56 13.39
CA TYR A 152 5.14 -9.37 12.21
C TYR A 152 3.79 -9.70 11.60
N CYS A 153 3.82 -10.11 10.32
CA CYS A 153 2.62 -10.49 9.60
C CYS A 153 2.69 -11.98 9.30
N THR A 154 1.63 -12.72 9.67
CA THR A 154 1.57 -14.15 9.46
C THR A 154 0.77 -14.45 8.18
N PRO A 155 0.89 -15.67 7.61
CA PRO A 155 -0.03 -16.11 6.56
C PRO A 155 -1.50 -16.02 6.98
N GLU A 156 -1.78 -16.27 8.27
CA GLU A 156 -3.13 -16.19 8.79
C GLU A 156 -3.62 -14.75 8.72
N ARG A 157 -2.75 -13.79 9.02
CA ARG A 157 -3.15 -12.39 8.94
C ARG A 157 -3.45 -12.02 7.49
N ILE A 158 -2.63 -12.51 6.56
CA ILE A 158 -2.88 -12.26 5.15
C ILE A 158 -4.27 -12.78 4.78
N ASP A 159 -4.63 -13.98 5.24
CA ASP A 159 -5.96 -14.51 4.93
C ASP A 159 -7.07 -13.68 5.56
N THR A 160 -6.84 -13.18 6.79
CA THR A 160 -7.82 -12.35 7.48
C THR A 160 -8.05 -11.06 6.69
N ILE A 161 -6.95 -10.47 6.21
CA ILE A 161 -6.99 -9.22 5.47
C ILE A 161 -7.85 -9.40 4.21
N PHE A 162 -7.62 -10.46 3.45
CA PHE A 162 -8.36 -10.65 2.20
C PHE A 162 -9.83 -10.92 2.49
N HIS A 163 -10.13 -11.55 3.64
CA HIS A 163 -11.51 -11.81 4.01
C HIS A 163 -12.20 -10.50 4.39
N LEU A 164 -11.49 -9.65 5.13
CA LEU A 164 -12.03 -8.36 5.52
C LEU A 164 -12.29 -7.52 4.28
N LEU A 165 -11.37 -7.60 3.30
CA LEU A 165 -11.49 -6.81 2.09
C LEU A 165 -12.73 -7.27 1.32
N ASP A 166 -13.04 -8.57 1.38
CA ASP A 166 -14.23 -9.09 0.72
C ASP A 166 -15.53 -8.64 1.35
N GLN A 167 -15.48 -8.12 2.59
CA GLN A 167 -16.68 -7.65 3.27
C GLN A 167 -16.88 -6.16 3.06
N CYS A 168 -15.93 -5.50 2.37
CA CYS A 168 -16.05 -4.08 2.07
C CYS A 168 -17.02 -3.87 0.91
N PRO A 169 -17.85 -2.82 0.98
CA PRO A 169 -18.82 -2.54 -0.09
C PRO A 169 -18.08 -2.10 -1.35
N ILE A 170 -18.67 -2.44 -2.50
CA ILE A 170 -18.12 -2.02 -3.78
C ILE A 170 -18.49 -0.55 -3.98
N LEU A 171 -17.47 0.27 -4.25
CA LEU A 171 -17.62 1.72 -4.34
C LEU A 171 -17.78 2.14 -5.80
N GLU A 172 -16.92 1.56 -6.65
CA GLU A 172 -16.95 1.74 -8.11
C GLU A 172 -16.98 0.36 -8.75
N GLN A 173 -18.07 0.04 -9.46
CA GLN A 173 -18.28 -1.28 -10.04
C GLN A 173 -17.54 -1.40 -11.38
N MET A 174 -16.85 -2.56 -11.55
CA MET A 174 -16.23 -2.90 -12.81
C MET A 174 -17.31 -3.33 -13.82
#